data_4Z2M
#
_entry.id   4Z2M
#
_cell.length_a   65.442
_cell.length_b   69.784
_cell.length_c   187.853
_cell.angle_alpha   90.00
_cell.angle_beta   90.00
_cell.angle_gamma   90.00
#
_symmetry.space_group_name_H-M   'P 21 2 21'
#
loop_
_entity.id
_entity.type
_entity.pdbx_description
1 polymer 'FACT complex subunit SPT16'
2 polymer 'Histone H3.1'
3 polymer 'Histone H4'
#
loop_
_entity_poly.entity_id
_entity_poly.type
_entity_poly.pdbx_seq_one_letter_code
_entity_poly.pdbx_strand_id
1 'polypeptide(L)'
;GIVKQDSLVINLNRSNPKLKDLYIRPNIAQKRMQGSLEAHVNGFRFTSVRGDKVDILYNNIKHALFQPCDGEMIIVLHFH
LKNAIMFGKKRHTDVQFYTEVGEITTDLGKHQHMHDRDDLYAEQMEREMRHKLKTAFKNFIEKVEALTKEELEFEVPFRD
LGFNGAPYRSTCLLQPTSSALVNATEWPPFVVTLDEVELIHFERVQFHLKNFDMVIVYKDYSKKVTMINAIPVASLDPIK
EWLNSCDLKYTEGVQSLNWTKIMKTIVDDPEGFFEQGGWSFLEPEGE
;
B
2 'polypeptide(L)'
;GVKKPHRYRPGTVALREIRRYQKSTELLIRKLPFQRLVREIAQDFKTDLRFQSSAVMALQEACEAYLVGLFEDTNLCAIH
AKRVTIMPKDIQLARRIRGERA
;
G,I
3 'polypeptide(L)'
;MSGRGKGGKGLGKGGAKRHRKVLRDNIQGITKPAIRRLARRGGVKRISGLIYEETRGVLKVFLENVIRDAVTYTEHAKRK
TVTAMDVVYALKRQGRTLYGFGG
;
H,J
#
# COMPACT_ATOMS: atom_id res chain seq x y z
N VAL A 3 -36.49 1.10 7.76
CA VAL A 3 -37.13 2.41 7.76
C VAL A 3 -37.65 2.75 6.38
N LYS A 4 -38.91 3.18 6.31
CA LYS A 4 -39.50 3.64 5.06
C LYS A 4 -39.06 5.07 4.79
N GLN A 5 -38.94 5.40 3.51
CA GLN A 5 -38.52 6.73 3.09
C GLN A 5 -39.72 7.63 2.86
N ASP A 6 -39.44 8.89 2.52
CA ASP A 6 -40.49 9.77 2.02
C ASP A 6 -40.57 9.56 0.53
N SER A 7 -41.51 10.22 -0.12
CA SER A 7 -41.66 10.10 -1.56
C SER A 7 -40.81 11.17 -2.22
N LEU A 8 -40.20 10.83 -3.34
CA LEU A 8 -39.47 11.82 -4.11
C LEU A 8 -40.45 12.87 -4.62
N VAL A 9 -40.09 14.13 -4.43
CA VAL A 9 -40.89 15.23 -4.97
C VAL A 9 -40.20 15.71 -6.24
N ILE A 10 -40.80 15.40 -7.37
CA ILE A 10 -40.21 15.81 -8.63
C ILE A 10 -41.03 16.98 -9.18
N ASN A 11 -40.32 17.93 -9.78
CA ASN A 11 -40.93 19.11 -10.36
C ASN A 11 -40.61 19.20 -11.86
N LEU A 12 -41.56 19.68 -12.65
CA LEU A 12 -41.33 19.90 -14.07
C LEU A 12 -41.16 21.39 -14.35
N ASN A 13 -39.95 21.76 -14.79
CA ASN A 13 -39.54 23.16 -14.81
C ASN A 13 -38.13 23.35 -15.39
N ARG A 14 -37.72 24.63 -15.45
CA ARG A 14 -36.42 25.01 -16.00
C ARG A 14 -35.22 24.49 -15.22
N SER A 15 -35.38 24.30 -13.91
CA SER A 15 -34.24 23.89 -13.07
C SER A 15 -34.26 22.40 -12.76
N ASN A 16 -33.39 21.69 -13.47
CA ASN A 16 -33.22 20.27 -13.26
C ASN A 16 -31.78 19.93 -13.48
N PRO A 17 -30.93 20.18 -12.46
CA PRO A 17 -29.54 19.79 -12.63
C PRO A 17 -29.46 18.29 -12.92
N LYS A 18 -28.73 17.94 -13.98
CA LYS A 18 -28.65 16.55 -14.41
C LYS A 18 -27.22 16.21 -14.78
N LEU A 19 -26.89 14.93 -14.74
CA LEU A 19 -25.56 14.46 -15.08
C LEU A 19 -25.69 13.19 -15.88
N LYS A 20 -24.99 13.10 -16.99
CA LYS A 20 -25.11 11.93 -17.85
C LYS A 20 -23.93 10.98 -17.62
N ASP A 21 -23.95 9.85 -18.31
CA ASP A 21 -22.81 8.93 -18.34
C ASP A 21 -22.35 8.49 -16.95
N LEU A 22 -23.28 7.93 -16.18
CA LEU A 22 -22.99 7.52 -14.80
C LEU A 22 -23.37 6.08 -14.50
N TYR A 23 -22.41 5.30 -14.00
CA TYR A 23 -22.65 3.93 -13.54
C TYR A 23 -23.05 3.91 -12.06
N ILE A 24 -23.95 3.01 -11.69
CA ILE A 24 -24.43 2.96 -10.30
C ILE A 24 -23.93 1.73 -9.52
N ARG A 25 -23.14 1.99 -8.48
CA ARG A 25 -22.72 0.95 -7.55
C ARG A 25 -23.53 1.03 -6.26
N PRO A 26 -24.02 -0.12 -5.77
CA PRO A 26 -23.86 -1.43 -6.40
C PRO A 26 -24.84 -1.57 -7.55
N ASN A 27 -24.85 -2.70 -8.26
CA ASN A 27 -25.72 -2.78 -9.43
C ASN A 27 -27.18 -3.17 -9.15
N ILE A 28 -27.99 -3.15 -10.20
CA ILE A 28 -29.31 -3.74 -10.15
C ILE A 28 -29.38 -5.12 -10.83
N ALA A 29 -28.25 -5.54 -11.42
CA ALA A 29 -28.14 -6.85 -12.08
C ALA A 29 -26.69 -7.29 -12.06
N GLN A 30 -26.34 -8.33 -12.80
CA GLN A 30 -24.92 -8.68 -12.90
C GLN A 30 -24.30 -7.96 -14.11
N LYS A 31 -25.11 -7.10 -14.73
CA LYS A 31 -24.65 -6.19 -15.79
C LYS A 31 -24.60 -4.74 -15.26
N ARG A 32 -23.65 -3.94 -15.75
CA ARG A 32 -23.53 -2.56 -15.28
C ARG A 32 -24.62 -1.69 -15.91
N MET A 33 -25.48 -1.12 -15.07
CA MET A 33 -26.54 -0.28 -15.61
C MET A 33 -26.04 1.16 -15.66
N GLN A 34 -25.80 1.66 -16.86
CA GLN A 34 -25.45 3.06 -17.05
C GLN A 34 -26.71 3.90 -16.88
N GLY A 35 -26.57 5.19 -16.60
CA GLY A 35 -27.74 6.05 -16.49
C GLY A 35 -27.47 7.54 -16.29
N SER A 36 -28.52 8.26 -15.89
CA SER A 36 -28.42 9.70 -15.64
C SER A 36 -28.95 10.06 -14.24
N LEU A 37 -28.29 11.01 -13.58
CA LEU A 37 -28.70 11.45 -12.25
C LEU A 37 -29.29 12.85 -12.24
N GLU A 38 -30.47 12.99 -11.62
CA GLU A 38 -31.27 14.22 -11.65
C GLU A 38 -31.57 14.74 -10.24
N ALA A 39 -31.38 16.04 -10.02
CA ALA A 39 -31.63 16.60 -8.69
C ALA A 39 -32.95 17.35 -8.61
N HIS A 40 -33.92 16.76 -7.93
CA HIS A 40 -35.24 17.35 -7.77
C HIS A 40 -35.37 18.08 -6.44
N VAL A 41 -36.60 18.49 -6.11
CA VAL A 41 -36.85 19.36 -4.98
C VAL A 41 -36.33 18.81 -3.66
N ASN A 42 -36.82 17.64 -3.25
CA ASN A 42 -36.32 17.01 -2.04
C ASN A 42 -35.39 15.79 -2.23
N GLY A 43 -35.05 15.45 -3.47
CA GLY A 43 -34.25 14.25 -3.69
C GLY A 43 -33.42 14.13 -4.96
N PHE A 44 -32.85 12.95 -5.14
CA PHE A 44 -32.07 12.62 -6.33
C PHE A 44 -32.77 11.54 -7.16
N ARG A 45 -33.03 11.82 -8.43
CA ARG A 45 -33.50 10.75 -9.31
C ARG A 45 -32.37 10.25 -10.18
N PHE A 46 -32.25 8.93 -10.28
CA PHE A 46 -31.32 8.31 -11.21
C PHE A 46 -32.08 7.62 -12.33
N THR A 47 -31.94 8.15 -13.54
CA THR A 47 -32.60 7.57 -14.70
C THR A 47 -31.68 6.60 -15.45
N SER A 48 -31.96 5.30 -15.35
CA SER A 48 -31.21 4.28 -16.09
C SER A 48 -31.72 4.12 -17.51
N VAL A 49 -30.86 3.60 -18.37
CA VAL A 49 -31.23 3.30 -19.74
C VAL A 49 -32.38 2.28 -19.81
N ARG A 50 -32.33 1.26 -18.96
CA ARG A 50 -33.28 0.14 -19.02
C ARG A 50 -34.61 0.42 -18.32
N GLY A 51 -34.77 1.62 -17.77
CA GLY A 51 -36.00 2.00 -17.11
C GLY A 51 -35.94 1.88 -15.59
N ASP A 52 -34.88 1.24 -15.10
CA ASP A 52 -34.69 1.08 -13.66
C ASP A 52 -34.40 2.43 -13.03
N LYS A 53 -35.20 2.83 -12.04
CA LYS A 53 -35.03 4.15 -11.44
C LYS A 53 -34.89 4.11 -9.93
N VAL A 54 -33.82 4.74 -9.43
CA VAL A 54 -33.50 4.76 -8.01
C VAL A 54 -33.58 6.19 -7.46
N ASP A 55 -34.21 6.35 -6.29
CA ASP A 55 -34.41 7.66 -5.68
C ASP A 55 -33.61 7.79 -4.37
N ILE A 56 -33.00 8.94 -4.16
CA ILE A 56 -32.26 9.22 -2.93
C ILE A 56 -32.61 10.58 -2.33
N LEU A 57 -33.05 10.60 -1.06
CA LEU A 57 -33.53 11.82 -0.47
C LEU A 57 -32.48 12.62 0.29
N TYR A 58 -32.37 13.91 -0.04
CA TYR A 58 -31.38 14.79 0.58
C TYR A 58 -31.40 14.71 2.09
N ASN A 59 -32.55 14.38 2.66
CA ASN A 59 -32.63 14.25 4.11
C ASN A 59 -32.23 12.84 4.56
N ASN A 60 -32.02 11.94 3.59
CA ASN A 60 -31.44 10.64 3.91
C ASN A 60 -29.92 10.58 3.70
N ILE A 61 -29.32 11.65 3.18
CA ILE A 61 -27.89 11.63 2.90
C ILE A 61 -27.09 11.93 4.17
N LYS A 62 -26.27 10.96 4.59
CA LYS A 62 -25.48 11.11 5.81
C LYS A 62 -24.20 11.86 5.54
N HIS A 63 -23.56 11.47 4.44
CA HIS A 63 -22.33 12.06 3.91
C HIS A 63 -22.46 12.09 2.40
N ALA A 64 -22.07 13.20 1.80
CA ALA A 64 -22.09 13.28 0.35
C ALA A 64 -20.68 13.50 -0.11
N LEU A 65 -20.12 12.52 -0.81
CA LEU A 65 -18.72 12.61 -1.21
C LEU A 65 -18.52 12.85 -2.68
N PHE A 66 -17.55 13.70 -2.97
CA PHE A 66 -17.11 13.92 -4.32
C PHE A 66 -15.66 13.50 -4.47
N GLN A 67 -15.43 12.43 -5.23
CA GLN A 67 -14.08 11.99 -5.55
C GLN A 67 -13.68 12.44 -6.94
N PRO A 68 -12.79 13.43 -7.02
CA PRO A 68 -12.37 13.91 -8.34
C PRO A 68 -11.54 12.84 -9.06
N CYS A 69 -11.14 13.11 -10.30
CA CYS A 69 -10.45 12.09 -11.07
C CYS A 69 -8.91 12.18 -10.95
N ASP A 70 -8.41 13.23 -10.30
CA ASP A 70 -6.97 13.42 -10.11
C ASP A 70 -6.31 12.21 -9.47
N GLY A 71 -5.31 11.65 -10.13
CA GLY A 71 -4.64 10.45 -9.64
C GLY A 71 -5.48 9.19 -9.74
N GLU A 72 -6.65 9.29 -10.38
CA GLU A 72 -7.57 8.16 -10.48
C GLU A 72 -8.01 7.85 -11.92
N MET A 73 -8.60 6.67 -12.10
CA MET A 73 -9.22 6.28 -13.35
C MET A 73 -10.72 6.61 -13.42
N ILE A 74 -11.29 7.12 -12.32
CA ILE A 74 -12.70 7.53 -12.29
C ILE A 74 -13.00 8.82 -11.50
N ILE A 75 -14.24 9.31 -11.65
CA ILE A 75 -14.71 10.46 -10.89
C ILE A 75 -16.05 10.10 -10.21
N VAL A 76 -16.15 10.33 -8.91
CA VAL A 76 -17.25 9.75 -8.14
C VAL A 76 -18.11 10.75 -7.38
N LEU A 77 -19.43 10.52 -7.40
CA LEU A 77 -20.31 11.10 -6.40
C LEU A 77 -20.66 9.98 -5.43
N HIS A 78 -20.30 10.12 -4.16
CA HIS A 78 -20.66 9.10 -3.19
C HIS A 78 -21.66 9.55 -2.13
N PHE A 79 -22.69 8.73 -1.88
CA PHE A 79 -23.69 8.99 -0.86
C PHE A 79 -23.72 7.94 0.23
N HIS A 80 -23.34 8.34 1.44
CA HIS A 80 -23.39 7.46 2.58
C HIS A 80 -24.72 7.75 3.23
N LEU A 81 -25.55 6.73 3.42
CA LEU A 81 -26.93 7.00 3.81
C LEU A 81 -27.17 6.80 5.31
N LYS A 82 -28.07 7.61 5.85
CA LYS A 82 -28.44 7.56 7.25
C LYS A 82 -29.13 6.25 7.54
N ASN A 83 -29.96 5.83 6.58
CA ASN A 83 -30.72 4.60 6.68
C ASN A 83 -30.61 3.80 5.40
N ALA A 84 -30.24 2.53 5.53
CA ALA A 84 -30.15 1.65 4.37
C ALA A 84 -31.44 1.71 3.58
N ILE A 85 -31.31 1.80 2.26
CA ILE A 85 -32.45 1.78 1.38
C ILE A 85 -32.37 0.53 0.50
N MET A 86 -33.53 -0.01 0.13
CA MET A 86 -33.56 -1.29 -0.58
C MET A 86 -33.76 -1.12 -2.08
N PHE A 87 -32.81 -1.64 -2.85
CA PHE A 87 -32.99 -1.83 -4.28
C PHE A 87 -32.17 -3.07 -4.63
N GLY A 88 -32.51 -3.72 -5.73
CA GLY A 88 -31.99 -5.06 -5.96
C GLY A 88 -32.45 -5.99 -4.84
N LYS A 89 -31.64 -6.98 -4.53
CA LYS A 89 -31.98 -7.96 -3.50
C LYS A 89 -31.75 -7.43 -2.06
N LYS A 90 -30.59 -6.81 -1.84
CA LYS A 90 -30.09 -6.47 -0.51
C LYS A 90 -30.46 -5.02 -0.11
N ARG A 91 -30.14 -4.65 1.14
CA ARG A 91 -30.30 -3.25 1.57
C ARG A 91 -28.95 -2.56 1.50
N HIS A 92 -28.93 -1.31 1.06
CA HIS A 92 -27.68 -0.64 0.76
C HIS A 92 -27.53 0.71 1.42
N THR A 93 -26.60 0.82 2.36
CA THR A 93 -26.32 2.09 3.01
C THR A 93 -25.48 2.97 2.10
N ASP A 94 -24.83 2.36 1.11
CA ASP A 94 -23.93 3.13 0.27
C ASP A 94 -24.32 3.08 -1.20
N VAL A 95 -24.63 4.25 -1.76
CA VAL A 95 -24.92 4.38 -3.19
C VAL A 95 -24.02 5.45 -3.79
N GLN A 96 -23.40 5.12 -4.92
CA GLN A 96 -22.54 6.08 -5.62
C GLN A 96 -22.69 6.05 -7.14
N PHE A 97 -22.16 7.10 -7.77
CA PHE A 97 -22.24 7.31 -9.22
C PHE A 97 -20.90 7.75 -9.79
N TYR A 98 -20.39 7.00 -10.78
CA TYR A 98 -19.08 7.33 -11.32
C TYR A 98 -19.05 7.36 -12.85
N THR A 99 -17.96 7.89 -13.38
CA THR A 99 -17.69 7.88 -14.80
C THR A 99 -16.20 7.53 -14.95
N GLU A 100 -15.87 6.71 -15.95
CA GLU A 100 -14.48 6.28 -16.15
C GLU A 100 -13.75 7.23 -17.07
N VAL A 101 -12.58 7.68 -16.65
CA VAL A 101 -11.74 8.54 -17.50
C VAL A 101 -10.50 7.93 -18.18
N GLY A 102 -10.24 6.63 -18.03
CA GLY A 102 -8.94 6.13 -18.47
C GLY A 102 -8.87 4.75 -19.12
N GLU A 103 -7.75 4.46 -19.78
CA GLU A 103 -7.71 3.44 -20.83
C GLU A 103 -6.47 2.52 -20.80
N ILE A 104 -6.52 1.39 -21.51
CA ILE A 104 -5.51 0.31 -21.40
C ILE A 104 -4.74 -0.03 -22.69
N THR A 105 -3.43 0.23 -22.69
CA THR A 105 -2.50 0.01 -23.83
C THR A 105 -1.91 -1.41 -23.88
N THR A 106 -1.68 -1.96 -25.07
CA THR A 106 -1.05 -3.28 -25.21
C THR A 106 0.33 -3.16 -25.90
N ASP A 107 1.19 -4.16 -25.71
CA ASP A 107 2.53 -4.11 -26.31
C ASP A 107 2.75 -5.24 -27.28
N ASP A 118 4.76 8.39 -30.66
CA ASP A 118 4.07 8.91 -29.49
C ASP A 118 2.85 9.75 -29.85
N ASP A 119 1.66 9.27 -29.46
CA ASP A 119 0.41 9.90 -29.82
C ASP A 119 0.16 11.15 -28.99
N LEU A 120 0.07 12.27 -29.69
CA LEU A 120 0.15 13.58 -29.07
C LEU A 120 -1.21 14.24 -29.04
N TYR A 121 -1.77 14.45 -30.22
CA TYR A 121 -3.12 15.00 -30.39
C TYR A 121 -4.12 14.28 -29.49
N ALA A 122 -4.00 12.95 -29.40
CA ALA A 122 -4.90 12.17 -28.57
C ALA A 122 -4.74 12.48 -27.08
N GLU A 123 -3.63 13.12 -26.70
CA GLU A 123 -3.45 13.50 -25.31
C GLU A 123 -4.21 14.77 -24.96
N GLN A 124 -4.41 15.66 -25.95
CA GLN A 124 -5.30 16.81 -25.74
C GLN A 124 -6.70 16.30 -25.45
N MET A 125 -7.09 15.24 -26.18
CA MET A 125 -8.35 14.55 -25.96
C MET A 125 -8.46 14.10 -24.51
N GLU A 126 -7.37 13.52 -24.01
CA GLU A 126 -7.32 13.00 -22.65
C GLU A 126 -7.66 14.10 -21.65
N ARG A 127 -6.80 15.11 -21.55
CA ARG A 127 -6.97 16.15 -20.53
C ARG A 127 -8.31 16.89 -20.68
N GLU A 128 -8.80 17.02 -21.91
CA GLU A 128 -10.07 17.72 -22.12
C GLU A 128 -11.26 16.96 -21.55
N MET A 129 -11.33 15.65 -21.76
CA MET A 129 -12.39 14.87 -21.13
C MET A 129 -12.26 14.94 -19.63
N ARG A 130 -11.03 14.81 -19.14
CA ARG A 130 -10.77 14.89 -17.70
C ARG A 130 -11.20 16.25 -17.20
N HIS A 131 -11.05 17.25 -18.04
CA HIS A 131 -11.46 18.61 -17.69
C HIS A 131 -12.98 18.80 -17.80
N LYS A 132 -13.55 18.25 -18.87
CA LYS A 132 -15.00 18.26 -19.03
C LYS A 132 -15.66 17.58 -17.84
N LEU A 133 -15.31 16.31 -17.63
CA LEU A 133 -15.90 15.50 -16.59
C LEU A 133 -15.89 16.20 -15.25
N LYS A 134 -14.76 16.77 -14.88
CA LYS A 134 -14.67 17.35 -13.55
C LYS A 134 -15.27 18.75 -13.53
N THR A 135 -15.44 19.38 -14.69
CA THR A 135 -16.19 20.65 -14.73
C THR A 135 -17.70 20.35 -14.71
N ALA A 136 -18.09 19.34 -15.45
CA ALA A 136 -19.45 18.82 -15.39
C ALA A 136 -19.85 18.53 -13.95
N PHE A 137 -18.95 17.89 -13.21
CA PHE A 137 -19.28 17.48 -11.86
C PHE A 137 -19.29 18.66 -10.89
N LYS A 138 -18.35 19.59 -11.04
CA LYS A 138 -18.33 20.75 -10.17
C LYS A 138 -19.54 21.64 -10.39
N ASN A 139 -19.92 21.84 -11.65
CA ASN A 139 -21.04 22.73 -11.96
C ASN A 139 -22.38 22.19 -11.48
N PHE A 140 -22.51 20.86 -11.51
CA PHE A 140 -23.69 20.19 -10.98
C PHE A 140 -23.73 20.32 -9.47
N ILE A 141 -22.62 19.94 -8.84
CA ILE A 141 -22.45 20.08 -7.40
C ILE A 141 -22.77 21.48 -6.89
N GLU A 142 -22.33 22.50 -7.62
CA GLU A 142 -22.51 23.87 -7.18
C GLU A 142 -23.99 24.27 -7.24
N LYS A 143 -24.72 23.62 -8.14
CA LYS A 143 -26.14 23.85 -8.24
C LYS A 143 -26.81 23.20 -7.05
N VAL A 144 -26.71 21.88 -6.96
CA VAL A 144 -27.34 21.12 -5.88
C VAL A 144 -27.05 21.70 -4.49
N GLU A 145 -25.83 22.17 -4.26
CA GLU A 145 -25.54 22.81 -2.97
C GLU A 145 -26.39 24.07 -2.84
N ALA A 146 -26.58 24.78 -3.95
CA ALA A 146 -27.39 26.00 -3.94
C ALA A 146 -28.90 25.73 -3.81
N LEU A 147 -29.39 24.65 -4.41
CA LEU A 147 -30.81 24.27 -4.30
C LEU A 147 -31.24 23.94 -2.87
N THR A 148 -30.29 23.45 -2.07
CA THR A 148 -30.60 23.05 -0.72
C THR A 148 -30.26 24.15 0.28
N LYS A 149 -29.84 25.31 -0.24
CA LYS A 149 -29.38 26.47 0.56
C LYS A 149 -28.11 26.12 1.34
N GLU A 150 -27.19 25.45 0.64
CA GLU A 150 -25.93 24.99 1.19
C GLU A 150 -26.16 24.05 2.36
N GLU A 151 -27.35 23.48 2.45
CA GLU A 151 -27.68 22.65 3.59
C GLU A 151 -27.17 21.22 3.38
N LEU A 152 -26.95 20.88 2.11
CA LEU A 152 -26.34 19.60 1.76
C LEU A 152 -25.06 19.85 1.00
N GLU A 153 -23.95 19.34 1.53
CA GLU A 153 -22.65 19.66 1.01
C GLU A 153 -21.79 18.47 0.65
N PHE A 154 -21.11 18.62 -0.47
CA PHE A 154 -20.19 17.62 -0.94
C PHE A 154 -18.84 17.77 -0.25
N GLU A 155 -18.43 16.74 0.47
CA GLU A 155 -17.14 16.75 1.13
C GLU A 155 -16.11 16.12 0.21
N VAL A 156 -15.09 16.90 -0.14
CA VAL A 156 -13.98 16.46 -0.98
C VAL A 156 -12.78 16.06 -0.13
N PRO A 157 -12.24 14.84 -0.36
CA PRO A 157 -11.26 14.34 0.60
C PRO A 157 -9.96 15.11 0.52
N PHE A 158 -9.19 15.14 1.61
CA PHE A 158 -7.89 15.82 1.55
C PHE A 158 -6.83 14.79 1.17
N ARG A 159 -6.34 14.84 -0.06
CA ARG A 159 -5.40 13.82 -0.51
C ARG A 159 -4.05 13.93 0.18
N ASP A 160 -3.69 15.13 0.64
CA ASP A 160 -2.44 15.32 1.38
C ASP A 160 -2.44 14.57 2.71
N LEU A 161 -3.61 14.25 3.20
CA LEU A 161 -3.70 13.57 4.47
C LEU A 161 -3.93 12.09 4.33
N GLY A 162 -3.91 11.61 3.08
CA GLY A 162 -4.15 10.21 2.76
C GLY A 162 -3.17 9.22 3.35
N PHE A 163 -3.57 7.95 3.35
CA PHE A 163 -2.67 6.84 3.68
C PHE A 163 -3.22 5.53 3.10
N ASN A 164 -2.35 4.58 2.79
CA ASN A 164 -2.78 3.28 2.22
C ASN A 164 -2.98 2.25 3.32
N GLY A 165 -4.03 1.46 3.21
CA GLY A 165 -4.34 0.46 4.22
C GLY A 165 -5.24 -0.63 3.67
N ALA A 166 -5.48 -1.67 4.46
CA ALA A 166 -6.27 -2.81 3.98
C ALA A 166 -7.45 -3.14 4.88
N PRO A 167 -8.46 -2.26 4.89
CA PRO A 167 -9.67 -2.57 5.66
C PRO A 167 -10.35 -3.82 5.11
N TYR A 168 -10.51 -3.83 3.79
CA TYR A 168 -11.32 -4.81 3.09
C TYR A 168 -10.60 -5.97 2.46
N ARG A 169 -9.31 -6.18 2.73
CA ARG A 169 -8.63 -7.27 2.03
C ARG A 169 -8.43 -6.91 0.55
N SER A 170 -8.12 -5.64 0.34
CA SER A 170 -7.47 -5.06 -0.84
C SER A 170 -6.64 -3.90 -0.25
N THR A 171 -5.60 -3.40 -0.91
CA THR A 171 -4.94 -2.24 -0.34
C THR A 171 -5.37 -1.00 -1.08
N CYS A 172 -6.16 -0.19 -0.39
CA CYS A 172 -6.71 1.01 -0.99
C CYS A 172 -6.12 2.22 -0.35
N LEU A 173 -6.55 3.38 -0.84
CA LEU A 173 -6.14 4.67 -0.31
C LEU A 173 -7.26 5.33 0.46
N LEU A 174 -7.03 5.44 1.76
CA LEU A 174 -8.01 6.03 2.65
C LEU A 174 -7.69 7.51 2.82
N GLN A 175 -8.73 8.34 2.74
CA GLN A 175 -8.56 9.78 2.85
C GLN A 175 -9.51 10.37 3.82
N PRO A 176 -9.03 11.30 4.63
CA PRO A 176 -9.96 11.99 5.53
C PRO A 176 -10.75 13.02 4.78
N THR A 177 -12.00 13.23 5.19
CA THR A 177 -12.72 14.44 4.85
C THR A 177 -13.01 15.15 6.15
N SER A 178 -13.78 16.23 6.09
CA SER A 178 -14.18 16.97 7.28
C SER A 178 -14.81 16.10 8.34
N SER A 179 -15.81 15.34 7.90
CA SER A 179 -16.57 14.48 8.78
C SER A 179 -16.24 12.98 8.74
N ALA A 180 -15.32 12.55 7.89
CA ALA A 180 -15.15 11.11 7.68
C ALA A 180 -13.81 10.64 7.16
N LEU A 181 -13.56 9.36 7.42
CA LEU A 181 -12.44 8.63 6.85
C LEU A 181 -12.99 7.76 5.74
N VAL A 182 -12.39 7.88 4.58
CA VAL A 182 -13.11 7.49 3.38
C VAL A 182 -12.30 6.80 2.26
N ASN A 183 -12.90 5.79 1.63
CA ASN A 183 -12.49 5.39 0.29
C ASN A 183 -13.72 5.16 -0.61
N ALA A 184 -13.88 6.00 -1.63
CA ALA A 184 -15.02 5.84 -2.53
C ALA A 184 -14.68 5.24 -3.90
N THR A 185 -13.42 4.91 -4.15
CA THR A 185 -13.08 4.41 -5.48
C THR A 185 -13.10 2.88 -5.59
N GLU A 186 -13.18 2.18 -4.47
CA GLU A 186 -13.28 0.72 -4.52
C GLU A 186 -14.60 0.22 -3.92
N TRP A 187 -15.15 -0.82 -4.52
CA TRP A 187 -16.38 -1.40 -4.03
C TRP A 187 -16.12 -2.75 -3.39
N PRO A 188 -16.57 -2.98 -2.15
CA PRO A 188 -17.36 -2.10 -1.27
C PRO A 188 -16.57 -0.91 -0.74
N PRO A 189 -17.23 0.26 -0.64
CA PRO A 189 -16.55 1.48 -0.21
C PRO A 189 -16.27 1.42 1.28
N PHE A 190 -15.59 2.43 1.80
CA PHE A 190 -15.22 2.50 3.21
C PHE A 190 -15.56 3.89 3.68
N VAL A 191 -16.48 3.97 4.63
CA VAL A 191 -16.87 5.24 5.16
C VAL A 191 -16.97 5.11 6.66
N VAL A 192 -16.33 6.02 7.38
CA VAL A 192 -16.37 6.00 8.80
C VAL A 192 -16.58 7.42 9.22
N THR A 193 -17.65 7.67 9.97
CA THR A 193 -17.95 8.99 10.50
C THR A 193 -17.13 9.25 11.75
N LEU A 194 -16.40 10.35 11.76
CA LEU A 194 -15.44 10.61 12.80
C LEU A 194 -16.12 10.83 14.15
N ASP A 195 -17.23 11.57 14.14
CA ASP A 195 -18.04 11.83 15.34
C ASP A 195 -18.47 10.55 16.09
N GLU A 196 -18.48 9.41 15.39
CA GLU A 196 -18.97 8.18 16.00
C GLU A 196 -17.84 7.34 16.62
N VAL A 197 -16.60 7.81 16.45
CA VAL A 197 -15.42 7.07 16.92
C VAL A 197 -15.09 7.34 18.39
N GLU A 198 -14.99 6.29 19.19
CA GLU A 198 -14.59 6.47 20.57
C GLU A 198 -13.12 6.79 20.63
N LEU A 199 -12.30 5.91 20.06
CA LEU A 199 -10.85 6.05 20.09
C LEU A 199 -10.22 5.22 19.00
N ILE A 200 -8.95 5.55 18.70
CA ILE A 200 -8.11 4.71 17.85
C ILE A 200 -7.08 3.98 18.72
N HIS A 201 -6.79 2.73 18.37
CA HIS A 201 -5.69 2.03 19.00
C HIS A 201 -4.84 1.32 17.94
N PHE A 202 -3.55 1.68 17.85
CA PHE A 202 -2.63 1.14 16.85
C PHE A 202 -1.99 -0.14 17.34
N GLU A 203 -2.02 -1.19 16.53
CA GLU A 203 -1.42 -2.47 16.95
C GLU A 203 -0.21 -2.84 16.08
N ARG A 204 0.66 -3.67 16.65
CA ARG A 204 1.91 -4.07 16.02
C ARG A 204 2.83 -2.88 15.79
N VAL A 205 2.81 -1.93 16.72
CA VAL A 205 3.71 -0.80 16.59
C VAL A 205 4.96 -1.15 17.37
N GLN A 206 6.03 -1.46 16.64
CA GLN A 206 7.30 -1.78 17.24
C GLN A 206 8.41 -1.65 16.21
N PHE A 207 9.63 -1.45 16.67
CA PHE A 207 10.75 -1.34 15.75
C PHE A 207 10.93 -2.67 15.01
N HIS A 208 11.55 -2.56 13.84
CA HIS A 208 11.73 -3.64 12.87
C HIS A 208 10.44 -4.15 12.26
N LEU A 209 9.35 -3.40 12.44
CA LEU A 209 8.09 -3.74 11.80
C LEU A 209 7.83 -2.66 10.76
N LYS A 210 7.53 -3.08 9.54
CA LYS A 210 7.28 -2.11 8.50
C LYS A 210 5.80 -1.78 8.41
N ASN A 211 4.95 -2.55 9.09
CA ASN A 211 3.51 -2.36 8.98
C ASN A 211 2.83 -2.47 10.31
N PHE A 212 1.81 -1.63 10.50
CA PHE A 212 0.98 -1.71 11.68
C PHE A 212 -0.49 -1.73 11.28
N ASP A 213 -1.29 -2.34 12.13
CA ASP A 213 -2.73 -2.31 12.00
C ASP A 213 -3.25 -1.17 12.85
N MET A 214 -4.32 -0.52 12.39
CA MET A 214 -4.98 0.55 13.14
C MET A 214 -6.38 0.12 13.46
N VAL A 215 -6.75 0.19 14.74
CA VAL A 215 -8.06 -0.29 15.22
C VAL A 215 -9.00 0.85 15.58
N ILE A 216 -10.16 0.90 14.94
CA ILE A 216 -11.14 1.96 15.19
C ILE A 216 -12.28 1.47 16.08
N VAL A 217 -12.32 2.00 17.30
CA VAL A 217 -13.36 1.67 18.27
C VAL A 217 -14.42 2.75 18.32
N TYR A 218 -15.67 2.32 18.21
CA TYR A 218 -16.82 3.22 18.18
C TYR A 218 -17.40 3.56 19.54
N LYS A 219 -17.90 4.78 19.65
CA LYS A 219 -18.69 5.24 20.81
C LYS A 219 -19.80 4.27 21.15
N ASP A 220 -20.39 3.65 20.14
CA ASP A 220 -21.42 2.66 20.36
C ASP A 220 -20.73 1.33 20.49
N TYR A 221 -20.69 0.80 21.72
CA TYR A 221 -19.84 -0.36 22.04
C TYR A 221 -20.38 -1.68 21.50
N SER A 222 -21.60 -1.64 20.95
CA SER A 222 -22.21 -2.84 20.37
C SER A 222 -21.63 -3.10 18.98
N LYS A 223 -21.15 -2.03 18.36
CA LYS A 223 -20.59 -2.07 17.02
C LYS A 223 -19.22 -2.68 17.05
N LYS A 224 -18.99 -3.67 16.21
CA LYS A 224 -17.67 -4.30 16.15
C LYS A 224 -16.64 -3.30 15.68
N VAL A 225 -15.40 -3.44 16.17
CA VAL A 225 -14.35 -2.53 15.78
C VAL A 225 -14.04 -2.69 14.30
N THR A 226 -13.62 -1.58 13.68
CA THR A 226 -13.28 -1.56 12.28
C THR A 226 -11.77 -1.52 12.15
N MET A 227 -11.22 -2.49 11.44
CA MET A 227 -9.77 -2.59 11.32
C MET A 227 -9.23 -1.97 10.03
N ILE A 228 -8.06 -1.34 10.12
CA ILE A 228 -7.31 -0.98 8.93
C ILE A 228 -5.94 -1.61 9.04
N ASN A 229 -5.67 -2.56 8.16
CA ASN A 229 -4.52 -3.44 8.28
C ASN A 229 -3.35 -3.04 7.42
N ALA A 230 -2.15 -3.34 7.92
CA ALA A 230 -0.93 -3.25 7.12
C ALA A 230 -0.76 -1.88 6.53
N ILE A 231 -0.66 -0.88 7.42
CA ILE A 231 -0.29 0.49 7.06
C ILE A 231 1.18 0.70 7.31
N PRO A 232 1.87 1.30 6.34
CA PRO A 232 3.31 1.56 6.46
C PRO A 232 3.68 2.47 7.66
N VAL A 233 4.67 2.09 8.48
CA VAL A 233 5.08 2.92 9.63
C VAL A 233 5.29 4.39 9.30
N ALA A 234 5.72 4.67 8.08
CA ALA A 234 6.06 6.04 7.72
C ALA A 234 4.84 6.90 7.90
N SER A 235 3.67 6.27 7.78
CA SER A 235 2.44 7.02 7.86
C SER A 235 1.93 7.11 9.30
N LEU A 236 2.58 6.40 10.23
CA LEU A 236 2.10 6.39 11.60
C LEU A 236 2.07 7.80 12.20
N ASP A 237 3.13 8.58 12.00
CA ASP A 237 3.08 9.93 12.56
C ASP A 237 2.09 10.86 11.84
N PRO A 238 2.13 10.92 10.50
CA PRO A 238 1.15 11.80 9.86
C PRO A 238 -0.29 11.54 10.31
N ILE A 239 -0.62 10.27 10.48
CA ILE A 239 -1.96 9.86 10.92
C ILE A 239 -2.24 10.40 12.32
N LYS A 240 -1.36 10.10 13.27
CA LYS A 240 -1.49 10.64 14.63
C LYS A 240 -1.78 12.12 14.63
N GLU A 241 -1.04 12.87 13.82
CA GLU A 241 -1.24 14.30 13.77
C GLU A 241 -2.65 14.66 13.36
N TRP A 242 -3.19 13.92 12.39
CA TRP A 242 -4.58 14.09 11.93
C TRP A 242 -5.59 13.72 13.01
N LEU A 243 -5.28 12.63 13.71
CA LEU A 243 -6.14 12.18 14.78
C LEU A 243 -6.27 13.30 15.82
N ASN A 244 -5.18 13.95 16.18
CA ASN A 244 -5.29 15.05 17.12
C ASN A 244 -6.12 16.21 16.61
N SER A 245 -5.96 16.58 15.33
CA SER A 245 -6.72 17.71 14.82
C SER A 245 -8.20 17.36 14.79
N CYS A 246 -8.51 16.09 15.00
CA CYS A 246 -9.91 15.64 15.12
C CYS A 246 -10.39 15.39 16.56
N ASP A 247 -9.54 15.63 17.54
CA ASP A 247 -9.83 15.31 18.92
C ASP A 247 -10.12 13.84 19.08
N LEU A 248 -9.60 13.02 18.16
CA LEU A 248 -9.63 11.57 18.31
C LEU A 248 -8.41 11.09 19.08
N LYS A 249 -8.62 10.58 20.29
CA LYS A 249 -7.52 10.05 21.10
C LYS A 249 -6.99 8.77 20.48
N TYR A 250 -5.73 8.47 20.75
CA TYR A 250 -5.17 7.20 20.27
C TYR A 250 -4.23 6.55 21.28
N THR A 251 -3.92 5.28 21.05
CA THR A 251 -2.99 4.54 21.90
C THR A 251 -2.12 3.56 21.07
N GLU A 252 -1.09 2.99 21.68
CA GLU A 252 -0.18 2.10 20.94
C GLU A 252 0.07 0.79 21.64
N GLY A 253 0.31 -0.24 20.84
CA GLY A 253 0.76 -1.51 21.38
C GLY A 253 1.42 -2.42 20.35
N VAL A 254 2.27 -3.29 20.84
CA VAL A 254 2.92 -4.29 20.01
C VAL A 254 1.97 -5.42 19.66
N GLN A 255 1.20 -5.86 20.63
CA GLN A 255 0.40 -7.08 20.47
C GLN A 255 -0.97 -6.80 19.85
N SER A 256 -1.43 -7.76 19.04
CA SER A 256 -2.77 -7.71 18.45
C SER A 256 -3.72 -8.25 19.48
N LEU A 257 -4.84 -7.55 19.67
CA LEU A 257 -5.71 -7.76 20.83
C LEU A 257 -7.03 -8.35 20.37
N ASN A 258 -7.74 -9.05 21.26
CA ASN A 258 -8.98 -9.62 20.80
C ASN A 258 -10.12 -8.68 21.10
N TRP A 259 -10.61 -8.01 20.07
CA TRP A 259 -11.56 -6.94 20.29
C TRP A 259 -12.98 -7.44 20.47
N THR A 260 -13.36 -8.55 19.85
CA THR A 260 -14.73 -9.02 20.07
C THR A 260 -14.86 -9.51 21.50
N LYS A 261 -13.80 -10.11 22.01
CA LYS A 261 -13.77 -10.47 23.41
C LYS A 261 -13.75 -9.21 24.31
N ILE A 262 -12.93 -8.21 23.98
CA ILE A 262 -12.90 -7.00 24.79
C ILE A 262 -14.25 -6.28 24.75
N MET A 263 -14.82 -6.10 23.57
CA MET A 263 -16.11 -5.42 23.44
C MET A 263 -17.26 -6.19 24.11
N LYS A 264 -17.19 -7.51 24.05
CA LYS A 264 -18.13 -8.37 24.74
C LYS A 264 -18.06 -8.07 26.23
N THR A 265 -16.84 -8.13 26.78
CA THR A 265 -16.60 -7.87 28.20
C THR A 265 -17.13 -6.51 28.67
N ILE A 266 -17.01 -5.50 27.82
CA ILE A 266 -17.42 -4.15 28.17
C ILE A 266 -18.92 -3.95 28.07
N VAL A 267 -19.51 -4.45 26.99
CA VAL A 267 -20.94 -4.27 26.79
C VAL A 267 -21.75 -5.05 27.86
N ASP A 268 -21.17 -6.15 28.35
CA ASP A 268 -21.78 -7.00 29.38
C ASP A 268 -21.59 -6.50 30.80
N ASP A 269 -20.63 -5.62 31.00
CA ASP A 269 -20.46 -4.94 32.27
C ASP A 269 -19.92 -3.50 32.08
N PRO A 270 -20.71 -2.62 31.44
CA PRO A 270 -20.23 -1.27 31.10
C PRO A 270 -19.83 -0.44 32.32
N GLU A 271 -20.23 -0.91 33.50
CA GLU A 271 -20.01 -0.20 34.75
C GLU A 271 -18.62 -0.47 35.34
N GLY A 272 -18.37 -1.72 35.68
CA GLY A 272 -17.08 -2.12 36.25
C GLY A 272 -15.89 -2.01 35.30
N PHE A 273 -16.16 -1.85 34.01
CA PHE A 273 -15.10 -1.58 33.05
C PHE A 273 -14.44 -0.25 33.40
N PHE A 274 -15.25 0.74 33.77
CA PHE A 274 -14.75 2.08 34.09
C PHE A 274 -14.31 2.18 35.54
N GLU A 275 -14.37 1.07 36.27
CA GLU A 275 -13.87 1.03 37.63
C GLU A 275 -12.39 0.60 37.68
N GLN A 276 -11.88 0.10 36.56
CA GLN A 276 -10.47 -0.32 36.45
C GLN A 276 -9.60 0.87 36.02
N GLY A 277 -10.27 1.97 35.66
CA GLY A 277 -9.62 3.08 35.02
C GLY A 277 -9.97 3.11 33.54
N GLY A 278 -10.95 2.27 33.16
CA GLY A 278 -11.48 2.29 31.82
C GLY A 278 -10.48 1.86 30.77
N TRP A 279 -10.26 2.74 29.78
CA TRP A 279 -9.42 2.40 28.64
C TRP A 279 -7.93 2.45 28.98
N SER A 280 -7.59 2.78 30.21
CA SER A 280 -6.20 2.88 30.63
C SER A 280 -5.43 1.58 30.40
N PHE A 281 -6.15 0.46 30.26
CA PHE A 281 -5.48 -0.83 30.08
C PHE A 281 -4.71 -0.88 28.78
N LEU A 282 -5.00 0.06 27.88
CA LEU A 282 -4.25 0.22 26.65
C LEU A 282 -2.94 0.98 26.89
N GLU A 283 -2.91 1.82 27.93
CA GLU A 283 -1.73 2.61 28.29
C GLU A 283 -1.21 3.42 27.10
N THR B 25 23.97 -1.62 -21.75
CA THR B 25 24.52 -1.12 -23.00
C THR B 25 23.44 -0.64 -23.99
N GLU B 26 22.22 -1.11 -23.80
CA GLU B 26 21.15 -0.95 -24.79
C GLU B 26 20.53 0.46 -24.87
N LEU B 27 20.26 1.06 -23.71
CA LEU B 27 19.77 2.45 -23.59
C LEU B 27 18.46 2.77 -24.32
N LEU B 28 17.36 2.29 -23.72
CA LEU B 28 16.00 2.55 -24.18
C LEU B 28 15.48 3.98 -23.94
N ILE B 29 16.14 4.74 -23.07
CA ILE B 29 15.78 6.16 -22.86
C ILE B 29 16.65 7.08 -23.71
N ARG B 30 16.06 8.10 -24.30
CA ARG B 30 16.82 9.05 -25.10
C ARG B 30 17.73 9.85 -24.16
N LYS B 31 19.00 9.99 -24.55
CA LYS B 31 20.04 10.55 -23.70
C LYS B 31 19.78 12.00 -23.31
N LEU B 32 19.31 12.81 -24.27
CA LEU B 32 19.16 14.24 -24.01
C LEU B 32 18.12 14.56 -22.92
N PRO B 33 16.87 14.05 -23.04
CA PRO B 33 15.96 14.38 -21.95
C PRO B 33 16.43 13.79 -20.63
N PHE B 34 17.11 12.65 -20.63
CA PHE B 34 17.61 12.11 -19.38
C PHE B 34 18.61 13.05 -18.74
N GLN B 35 19.38 13.73 -19.57
CA GLN B 35 20.39 14.65 -19.10
C GLN B 35 19.75 15.83 -18.36
N ARG B 36 18.74 16.43 -18.99
CA ARG B 36 18.01 17.55 -18.38
C ARG B 36 17.49 17.13 -17.02
N LEU B 37 16.97 15.92 -16.94
CA LEU B 37 16.51 15.41 -15.67
C LEU B 37 17.65 15.39 -14.66
N VAL B 38 18.84 14.96 -15.06
CA VAL B 38 19.95 14.91 -14.11
C VAL B 38 20.39 16.33 -13.71
N ARG B 39 20.40 17.25 -14.67
CA ARG B 39 20.81 18.61 -14.36
C ARG B 39 19.74 19.37 -13.57
N GLU B 40 18.47 18.99 -13.71
CA GLU B 40 17.45 19.62 -12.90
C GLU B 40 17.66 19.26 -11.45
N ILE B 41 17.80 17.97 -11.20
CA ILE B 41 18.08 17.45 -9.86
C ILE B 41 19.41 17.99 -9.34
N ALA B 42 20.22 18.57 -10.24
CA ALA B 42 21.53 19.09 -9.85
C ALA B 42 21.43 20.44 -9.14
N GLN B 43 20.35 21.16 -9.38
CA GLN B 43 19.99 22.25 -8.50
C GLN B 43 19.54 21.59 -7.19
N ASP B 44 19.11 22.35 -6.18
CA ASP B 44 18.75 21.77 -4.88
C ASP B 44 19.94 21.03 -4.24
N PHE B 45 21.14 21.48 -4.57
CA PHE B 45 22.39 20.82 -4.19
C PHE B 45 23.45 21.91 -4.16
N LYS B 46 24.72 21.51 -4.16
CA LYS B 46 25.76 22.48 -4.44
C LYS B 46 25.35 23.12 -5.75
N THR B 47 25.16 24.43 -5.73
CA THR B 47 24.55 25.12 -6.86
C THR B 47 25.50 25.17 -8.06
N ASP B 48 26.80 25.04 -7.78
CA ASP B 48 27.74 24.80 -8.86
C ASP B 48 28.16 23.34 -8.85
N LEU B 49 27.67 22.61 -9.84
CA LEU B 49 27.98 21.19 -10.01
C LEU B 49 28.03 20.90 -11.49
N ARG B 50 28.99 20.07 -11.87
CA ARG B 50 29.12 19.63 -13.23
C ARG B 50 29.12 18.10 -13.19
N PHE B 51 28.73 17.47 -14.29
CA PHE B 51 28.78 16.02 -14.37
C PHE B 51 29.60 15.50 -15.56
N GLN B 52 30.41 14.48 -15.32
CA GLN B 52 31.13 13.86 -16.43
C GLN B 52 30.15 13.06 -17.26
N SER B 53 30.35 13.03 -18.58
CA SER B 53 29.49 12.24 -19.46
C SER B 53 29.37 10.81 -18.95
N SER B 54 30.49 10.22 -18.57
CA SER B 54 30.49 8.88 -18.01
C SER B 54 29.64 8.79 -16.75
N ALA B 55 29.62 9.87 -15.97
CA ALA B 55 28.79 9.85 -14.78
C ALA B 55 27.31 9.91 -15.14
N VAL B 56 26.96 10.71 -16.15
CA VAL B 56 25.57 10.74 -16.58
C VAL B 56 25.19 9.40 -17.22
N MET B 57 26.06 8.82 -18.04
CA MET B 57 25.76 7.53 -18.61
C MET B 57 25.62 6.45 -17.54
N ALA B 58 26.43 6.53 -16.49
CA ALA B 58 26.32 5.54 -15.42
C ALA B 58 24.94 5.63 -14.77
N LEU B 59 24.54 6.84 -14.39
CA LEU B 59 23.20 7.07 -13.85
C LEU B 59 22.13 6.50 -14.77
N GLN B 60 22.26 6.78 -16.08
CA GLN B 60 21.26 6.33 -17.02
C GLN B 60 21.22 4.82 -17.09
N GLU B 61 22.40 4.20 -17.22
CA GLU B 61 22.46 2.75 -17.24
C GLU B 61 21.85 2.17 -15.95
N ALA B 62 22.10 2.82 -14.82
CA ALA B 62 21.53 2.34 -13.57
C ALA B 62 19.98 2.46 -13.55
N CYS B 63 19.47 3.66 -13.84
CA CYS B 63 18.04 3.89 -13.88
C CYS B 63 17.26 2.91 -14.77
N GLU B 64 17.69 2.73 -16.00
CA GLU B 64 16.96 1.84 -16.89
C GLU B 64 17.03 0.42 -16.36
N ALA B 65 18.10 0.08 -15.65
CA ALA B 65 18.22 -1.26 -15.09
C ALA B 65 17.25 -1.42 -13.91
N TYR B 66 17.14 -0.38 -13.11
CA TYR B 66 16.18 -0.36 -12.00
C TYR B 66 14.73 -0.45 -12.47
N LEU B 67 14.41 0.26 -13.55
CA LEU B 67 13.07 0.26 -14.06
C LEU B 67 12.72 -1.10 -14.61
N VAL B 68 13.61 -1.69 -15.40
CA VAL B 68 13.34 -2.99 -15.98
C VAL B 68 13.08 -4.05 -14.90
N GLY B 69 13.99 -4.15 -13.92
CA GLY B 69 13.87 -5.07 -12.81
C GLY B 69 12.61 -4.86 -11.99
N LEU B 70 12.29 -3.58 -11.76
CA LEU B 70 11.05 -3.18 -11.12
C LEU B 70 9.82 -3.57 -11.93
N PHE B 71 9.96 -3.53 -13.24
CA PHE B 71 8.83 -3.90 -14.09
C PHE B 71 8.64 -5.40 -14.05
N GLU B 72 9.67 -6.15 -13.66
CA GLU B 72 9.55 -7.60 -13.62
C GLU B 72 8.81 -7.99 -12.36
N ASP B 73 9.24 -7.41 -11.25
CA ASP B 73 8.55 -7.56 -9.98
C ASP B 73 7.06 -7.14 -10.11
N THR B 74 6.86 -5.94 -10.63
CA THR B 74 5.51 -5.46 -10.99
C THR B 74 4.70 -6.46 -11.80
N ASN B 75 5.26 -6.99 -12.86
CA ASN B 75 4.46 -7.92 -13.66
C ASN B 75 4.13 -9.21 -12.89
N LEU B 76 5.01 -9.62 -11.97
CA LEU B 76 4.76 -10.82 -11.18
C LEU B 76 3.51 -10.59 -10.35
N CYS B 77 3.43 -9.38 -9.80
CA CYS B 77 2.34 -8.94 -8.94
C CYS B 77 1.00 -8.96 -9.66
N ALA B 78 0.96 -8.35 -10.83
CA ALA B 78 -0.24 -8.40 -11.67
C ALA B 78 -0.67 -9.84 -11.97
N ILE B 79 0.31 -10.73 -12.14
CA ILE B 79 -0.01 -12.13 -12.36
C ILE B 79 -0.68 -12.67 -11.10
N HIS B 80 -0.08 -12.40 -9.95
CA HIS B 80 -0.59 -12.84 -8.66
C HIS B 80 -2.04 -12.43 -8.44
N ALA B 81 -2.42 -11.32 -9.05
CA ALA B 81 -3.78 -10.82 -8.95
C ALA B 81 -4.63 -11.35 -10.08
N LYS B 82 -4.04 -12.24 -10.88
CA LYS B 82 -4.69 -12.83 -12.06
C LYS B 82 -5.01 -11.75 -13.08
N ARG B 83 -4.06 -10.86 -13.30
CA ARG B 83 -4.18 -9.78 -14.27
C ARG B 83 -3.02 -9.79 -15.28
N VAL B 84 -3.29 -9.41 -16.53
CA VAL B 84 -2.22 -9.24 -17.52
C VAL B 84 -1.70 -7.81 -17.64
N THR B 85 -2.46 -6.85 -17.13
CA THR B 85 -2.06 -5.47 -17.26
C THR B 85 -1.56 -4.98 -15.93
N ILE B 86 -0.41 -4.32 -15.92
CA ILE B 86 0.11 -3.83 -14.66
C ILE B 86 -0.55 -2.50 -14.29
N MET B 87 -0.71 -2.29 -12.99
CA MET B 87 -1.35 -1.09 -12.47
C MET B 87 -0.51 -0.54 -11.31
N PRO B 88 -0.68 0.74 -10.96
CA PRO B 88 0.15 1.35 -9.92
C PRO B 88 0.17 0.54 -8.63
N LYS B 89 -0.98 -0.06 -8.34
CA LYS B 89 -1.14 -1.02 -7.27
C LYS B 89 -0.01 -2.08 -7.32
N ASP B 90 0.24 -2.62 -8.49
CA ASP B 90 1.32 -3.58 -8.67
C ASP B 90 2.69 -2.99 -8.39
N ILE B 91 2.95 -1.81 -8.94
CA ILE B 91 4.23 -1.17 -8.67
C ILE B 91 4.41 -0.93 -7.18
N GLN B 92 3.39 -0.36 -6.54
CA GLN B 92 3.46 0.02 -5.13
C GLN B 92 3.69 -1.17 -4.24
N LEU B 93 3.04 -2.27 -4.55
CA LEU B 93 3.28 -3.49 -3.80
C LEU B 93 4.72 -3.91 -3.93
N ALA B 94 5.20 -3.90 -5.18
CA ALA B 94 6.53 -4.39 -5.47
C ALA B 94 7.54 -3.54 -4.74
N ARG B 95 7.38 -2.23 -4.83
CA ARG B 95 8.31 -1.31 -4.19
C ARG B 95 8.28 -1.41 -2.68
N ARG B 96 7.15 -1.84 -2.15
CA ARG B 96 6.94 -1.93 -0.73
C ARG B 96 7.71 -3.12 -0.16
N ILE B 97 7.62 -4.25 -0.84
CA ILE B 97 8.36 -5.43 -0.43
C ILE B 97 9.87 -5.16 -0.51
N ARG B 98 10.31 -4.60 -1.63
CA ARG B 98 11.71 -4.23 -1.84
C ARG B 98 12.28 -3.28 -0.76
N GLY B 99 11.43 -2.52 -0.10
CA GLY B 99 11.91 -1.60 0.90
C GLY B 99 12.16 -0.20 0.39
N GLU B 100 11.53 0.15 -0.72
CA GLU B 100 11.69 1.50 -1.27
C GLU B 100 10.67 2.49 -0.67
N ARG B 101 10.76 3.77 -1.04
CA ARG B 101 9.99 4.83 -0.38
C ARG B 101 9.09 5.66 -1.32
N ARG C 24 11.15 23.80 -13.21
CA ARG C 24 11.50 22.78 -14.20
C ARG C 24 10.73 21.47 -13.92
N ASP C 25 10.01 20.97 -14.92
CA ASP C 25 9.60 19.56 -14.91
C ASP C 25 10.24 18.85 -16.09
N ASN C 26 11.36 18.19 -15.83
CA ASN C 26 12.02 17.43 -16.88
C ASN C 26 11.77 15.94 -16.74
N ILE C 27 11.03 15.61 -15.68
CA ILE C 27 10.56 14.26 -15.53
C ILE C 27 9.45 14.03 -16.57
N GLN C 28 8.97 15.12 -17.19
CA GLN C 28 7.96 15.01 -18.25
C GLN C 28 8.63 14.72 -19.59
N GLY C 29 9.94 14.94 -19.63
CA GLY C 29 10.68 14.68 -20.86
C GLY C 29 11.02 13.22 -21.04
N ILE C 30 11.08 12.45 -19.95
CA ILE C 30 11.26 11.02 -20.10
C ILE C 30 9.92 10.50 -20.60
N THR C 31 9.98 9.89 -21.77
CA THR C 31 8.86 9.78 -22.69
C THR C 31 8.05 8.51 -22.51
N LYS C 32 6.75 8.61 -22.76
CA LYS C 32 5.88 7.43 -22.79
C LYS C 32 6.46 6.30 -23.67
N PRO C 33 6.93 6.60 -24.89
CA PRO C 33 7.45 5.43 -25.60
C PRO C 33 8.65 4.81 -24.88
N ALA C 34 9.43 5.66 -24.22
CA ALA C 34 10.56 5.15 -23.46
C ALA C 34 10.08 4.20 -22.37
N ILE C 35 9.02 4.59 -21.69
CA ILE C 35 8.48 3.78 -20.59
C ILE C 35 7.91 2.48 -21.10
N ARG C 36 7.19 2.54 -22.23
CA ARG C 36 6.69 1.33 -22.88
C ARG C 36 7.83 0.40 -23.23
N ARG C 37 8.88 0.94 -23.84
CA ARG C 37 10.05 0.17 -24.20
C ARG C 37 10.62 -0.55 -22.97
N LEU C 38 10.89 0.22 -21.92
CA LEU C 38 11.44 -0.38 -20.69
C LEU C 38 10.54 -1.49 -20.17
N ALA C 39 9.25 -1.19 -20.07
CA ALA C 39 8.24 -2.15 -19.67
C ALA C 39 8.32 -3.45 -20.50
N ARG C 40 8.31 -3.30 -21.82
CA ARG C 40 8.37 -4.43 -22.76
C ARG C 40 9.51 -5.36 -22.40
N ARG C 41 10.61 -4.79 -21.93
CA ARG C 41 11.82 -5.57 -21.63
C ARG C 41 11.67 -6.29 -20.32
N GLY C 42 10.90 -5.70 -19.42
CA GLY C 42 10.54 -6.35 -18.17
C GLY C 42 9.52 -7.45 -18.39
N GLY C 43 9.02 -7.58 -19.61
CA GLY C 43 8.12 -8.67 -19.96
C GLY C 43 6.66 -8.36 -19.68
N VAL C 44 6.40 -7.08 -19.45
CA VAL C 44 5.04 -6.61 -19.28
C VAL C 44 4.34 -6.70 -20.63
N LYS C 45 3.20 -7.38 -20.69
CA LYS C 45 2.41 -7.47 -21.92
C LYS C 45 1.47 -6.29 -22.14
N ARG C 46 0.81 -5.85 -21.07
CA ARG C 46 -0.27 -4.89 -21.21
C ARG C 46 -0.12 -3.86 -20.09
N ILE C 47 -0.55 -2.62 -20.32
CA ILE C 47 -0.25 -1.54 -19.37
C ILE C 47 -1.43 -0.56 -19.09
N SER C 48 -1.72 -0.32 -17.82
CA SER C 48 -2.72 0.68 -17.44
C SER C 48 -2.23 2.11 -17.67
N GLY C 49 -3.16 3.04 -17.81
CA GLY C 49 -2.82 4.41 -18.14
C GLY C 49 -2.04 5.18 -17.09
N LEU C 50 -2.21 4.80 -15.83
CA LEU C 50 -1.57 5.54 -14.75
C LEU C 50 -0.12 5.13 -14.53
N ILE C 51 0.37 4.22 -15.37
CA ILE C 51 1.70 3.70 -15.18
C ILE C 51 2.75 4.76 -15.48
N TYR C 52 2.46 5.68 -16.39
CA TYR C 52 3.47 6.67 -16.79
C TYR C 52 3.76 7.68 -15.68
N GLU C 53 2.75 8.12 -14.95
CA GLU C 53 3.02 9.07 -13.88
C GLU C 53 3.68 8.36 -12.69
N GLU C 54 3.25 7.14 -12.39
CA GLU C 54 3.84 6.40 -11.29
C GLU C 54 5.31 6.17 -11.56
N THR C 55 5.59 5.55 -12.71
CA THR C 55 6.94 5.30 -13.23
C THR C 55 7.81 6.55 -13.21
N ARG C 56 7.28 7.64 -13.78
CA ARG C 56 7.96 8.93 -13.71
C ARG C 56 8.36 9.30 -12.28
N GLY C 57 7.46 9.12 -11.32
CA GLY C 57 7.74 9.49 -9.94
C GLY C 57 8.75 8.56 -9.29
N VAL C 58 8.54 7.27 -9.52
CA VAL C 58 9.40 6.20 -9.04
C VAL C 58 10.84 6.44 -9.44
N LEU C 59 11.01 6.86 -10.70
CA LEU C 59 12.33 7.12 -11.27
C LEU C 59 12.97 8.33 -10.62
N LYS C 60 12.25 9.44 -10.58
CA LYS C 60 12.70 10.67 -9.90
C LYS C 60 13.15 10.43 -8.45
N VAL C 61 12.50 9.51 -7.75
CA VAL C 61 12.90 9.23 -6.39
C VAL C 61 14.22 8.51 -6.39
N PHE C 62 14.26 7.39 -7.13
CA PHE C 62 15.49 6.62 -7.31
C PHE C 62 16.69 7.46 -7.77
N LEU C 63 16.52 8.14 -8.88
CA LEU C 63 17.53 9.06 -9.38
C LEU C 63 18.03 10.03 -8.32
N GLU C 64 17.11 10.56 -7.52
CA GLU C 64 17.45 11.53 -6.49
C GLU C 64 18.33 10.92 -5.41
N ASN C 65 18.06 9.66 -5.06
CA ASN C 65 18.84 8.96 -4.04
C ASN C 65 20.29 8.77 -4.46
N VAL C 66 20.46 8.32 -5.70
CA VAL C 66 21.77 8.04 -6.21
C VAL C 66 22.57 9.33 -6.38
N ILE C 67 21.96 10.34 -6.99
CA ILE C 67 22.66 11.61 -7.18
C ILE C 67 23.02 12.20 -5.82
N ARG C 68 22.09 12.11 -4.86
CA ARG C 68 22.33 12.64 -3.54
C ARG C 68 23.49 11.95 -2.89
N ASP C 69 23.44 10.62 -2.88
CA ASP C 69 24.53 9.83 -2.34
C ASP C 69 25.83 10.11 -3.09
N ALA C 70 25.73 10.27 -4.41
CA ALA C 70 26.91 10.43 -5.25
C ALA C 70 27.67 11.72 -4.98
N VAL C 71 26.96 12.85 -4.86
CA VAL C 71 27.66 14.10 -4.62
C VAL C 71 28.36 14.05 -3.25
N THR C 72 27.83 13.22 -2.35
CA THR C 72 28.41 13.06 -1.03
C THR C 72 29.83 12.51 -1.11
N TYR C 73 30.06 11.60 -2.05
CA TYR C 73 31.40 11.09 -2.26
C TYR C 73 32.23 12.17 -2.94
N THR C 74 31.58 13.05 -3.68
CA THR C 74 32.29 14.06 -4.47
C THR C 74 32.86 15.19 -3.61
N GLU C 75 32.15 15.61 -2.57
CA GLU C 75 32.70 16.66 -1.72
C GLU C 75 33.54 16.06 -0.58
N HIS C 76 33.42 14.76 -0.32
CA HIS C 76 34.30 14.12 0.65
C HIS C 76 35.71 14.09 0.12
N ALA C 77 35.83 14.14 -1.21
CA ALA C 77 37.11 14.22 -1.89
C ALA C 77 37.45 15.68 -2.22
N LYS C 78 36.58 16.59 -1.79
CA LYS C 78 36.75 18.01 -2.10
C LYS C 78 36.84 18.25 -3.61
N ARG C 79 35.81 17.82 -4.33
CA ARG C 79 35.68 18.14 -5.76
C ARG C 79 34.33 18.78 -6.08
N LYS C 80 34.30 19.54 -7.17
CA LYS C 80 33.06 20.10 -7.69
C LYS C 80 32.48 19.29 -8.88
N THR C 81 33.20 18.25 -9.31
CA THR C 81 32.83 17.50 -10.51
C THR C 81 32.55 16.04 -10.23
N VAL C 82 31.39 15.56 -10.66
CA VAL C 82 31.00 14.18 -10.36
C VAL C 82 31.56 13.18 -11.40
N THR C 83 32.44 12.32 -10.92
CA THR C 83 33.01 11.23 -11.70
C THR C 83 32.11 10.01 -11.73
N ALA C 84 32.26 9.18 -12.77
CA ALA C 84 31.56 7.89 -12.81
C ALA C 84 31.86 7.09 -11.54
N MET C 85 33.02 7.34 -10.95
CA MET C 85 33.40 6.68 -9.72
C MET C 85 32.45 7.03 -8.57
N ASP C 86 32.07 8.29 -8.48
CA ASP C 86 31.12 8.73 -7.47
C ASP C 86 29.80 7.97 -7.64
N VAL C 87 29.34 7.89 -8.88
CA VAL C 87 28.06 7.27 -9.17
C VAL C 87 28.00 5.79 -8.82
N VAL C 88 29.05 5.04 -9.12
CA VAL C 88 29.03 3.59 -8.87
C VAL C 88 29.15 3.28 -7.37
N TYR C 89 29.95 4.04 -6.65
CA TYR C 89 30.05 3.81 -5.22
C TYR C 89 28.70 4.03 -4.57
N ALA C 90 27.99 5.07 -5.03
CA ALA C 90 26.68 5.39 -4.48
C ALA C 90 25.68 4.25 -4.71
N LEU C 91 25.77 3.60 -5.86
CA LEU C 91 24.89 2.48 -6.20
C LEU C 91 25.05 1.29 -5.28
N LYS C 92 26.24 1.15 -4.71
CA LYS C 92 26.51 0.07 -3.77
C LYS C 92 25.74 0.28 -2.46
N ARG C 93 25.49 1.55 -2.13
CA ARG C 93 24.64 1.92 -1.01
C ARG C 93 23.17 1.58 -1.30
N GLN C 94 22.85 1.42 -2.59
CA GLN C 94 21.50 1.09 -3.04
C GLN C 94 21.46 -0.28 -3.72
N LEU D 27 12.73 -14.65 21.75
CA LEU D 27 11.51 -14.34 22.53
C LEU D 27 10.27 -15.02 21.96
N LEU D 28 10.18 -15.12 20.64
CA LEU D 28 9.00 -15.69 20.00
C LEU D 28 9.06 -17.18 19.67
N ILE D 29 10.24 -17.77 19.72
CA ILE D 29 10.41 -19.20 19.41
C ILE D 29 10.99 -19.96 20.60
N ARG D 30 10.70 -21.25 20.68
CA ARG D 30 11.33 -22.08 21.69
C ARG D 30 12.77 -22.36 21.28
N LYS D 31 13.68 -22.25 22.25
CA LYS D 31 15.13 -22.31 21.99
C LYS D 31 15.63 -23.71 21.65
N LEU D 32 15.09 -24.70 22.33
CA LEU D 32 15.56 -26.08 22.23
C LEU D 32 15.47 -26.67 20.81
N PRO D 33 14.28 -26.68 20.19
CA PRO D 33 14.22 -27.35 18.90
C PRO D 33 14.95 -26.55 17.83
N PHE D 34 15.16 -25.26 18.12
CA PHE D 34 15.82 -24.38 17.16
C PHE D 34 17.28 -24.75 17.01
N GLN D 35 17.95 -24.99 18.13
CA GLN D 35 19.36 -25.36 18.09
C GLN D 35 19.55 -26.79 17.58
N ARG D 36 18.57 -27.67 17.80
CA ARG D 36 18.63 -28.99 17.21
C ARG D 36 18.74 -28.82 15.70
N LEU D 37 18.17 -27.74 15.18
CA LEU D 37 18.32 -27.45 13.77
C LEU D 37 19.68 -26.85 13.45
N VAL D 38 20.19 -26.03 14.37
CA VAL D 38 21.47 -25.37 14.16
C VAL D 38 22.57 -26.42 14.09
N ARG D 39 22.57 -27.34 15.05
CA ARG D 39 23.56 -28.41 15.10
C ARG D 39 23.40 -29.34 13.90
N GLU D 40 22.17 -29.71 13.56
CA GLU D 40 21.91 -30.55 12.39
C GLU D 40 22.47 -29.93 11.10
N ILE D 41 22.52 -28.61 11.07
CA ILE D 41 23.13 -27.91 9.96
C ILE D 41 24.65 -27.92 10.13
N ALA D 42 25.12 -27.84 11.37
CA ALA D 42 26.55 -27.75 11.69
C ALA D 42 27.35 -28.98 11.27
N GLN D 43 26.66 -30.08 11.03
CA GLN D 43 27.33 -31.31 10.68
C GLN D 43 27.75 -31.34 9.21
N ASP D 44 27.36 -30.32 8.45
CA ASP D 44 27.73 -30.24 7.05
C ASP D 44 28.91 -29.33 6.67
N PHE D 45 29.59 -28.73 7.63
CA PHE D 45 30.56 -27.68 7.27
C PHE D 45 32.05 -27.92 7.52
N LYS D 46 32.47 -27.97 8.79
CA LYS D 46 33.90 -28.00 9.10
C LYS D 46 34.68 -29.34 8.89
N THR D 47 34.16 -30.51 9.32
CA THR D 47 32.82 -30.74 9.86
C THR D 47 32.72 -30.74 11.39
N ASP D 48 33.83 -30.49 12.08
CA ASP D 48 33.79 -30.43 13.54
C ASP D 48 33.63 -29.00 14.01
N LEU D 49 32.45 -28.71 14.53
CA LEU D 49 32.09 -27.36 14.94
C LEU D 49 31.30 -27.39 16.23
N ARG D 50 31.52 -26.37 17.05
CA ARG D 50 30.77 -26.18 18.28
C ARG D 50 30.46 -24.69 18.43
N PHE D 51 29.21 -24.37 18.73
CA PHE D 51 28.74 -22.99 18.72
C PHE D 51 28.69 -22.36 20.10
N GLN D 52 29.26 -21.17 20.22
CA GLN D 52 29.19 -20.44 21.47
C GLN D 52 27.74 -20.11 21.75
N SER D 53 27.34 -20.24 23.02
CA SER D 53 25.92 -20.12 23.38
C SER D 53 25.34 -18.77 22.99
N SER D 54 26.15 -17.73 23.06
CA SER D 54 25.71 -16.38 22.72
C SER D 54 25.33 -16.32 21.25
N ALA D 55 26.02 -17.11 20.45
CA ALA D 55 25.87 -17.09 19.00
C ALA D 55 24.65 -17.85 18.53
N VAL D 56 24.36 -18.96 19.21
CA VAL D 56 23.13 -19.70 18.93
C VAL D 56 21.97 -18.76 19.17
N MET D 57 22.07 -17.99 20.25
CA MET D 57 21.04 -17.04 20.62
C MET D 57 20.93 -15.92 19.59
N ALA D 58 22.05 -15.53 19.01
CA ALA D 58 22.07 -14.44 18.03
C ALA D 58 21.52 -14.88 16.70
N LEU D 59 21.56 -16.18 16.44
CA LEU D 59 21.03 -16.73 15.20
C LEU D 59 19.52 -16.86 15.26
N GLN D 60 19.02 -17.16 16.46
CA GLN D 60 17.58 -17.27 16.69
C GLN D 60 16.93 -15.90 16.57
N GLU D 61 17.51 -14.93 17.26
CA GLU D 61 17.11 -13.54 17.11
C GLU D 61 17.08 -13.15 15.62
N ALA D 62 18.13 -13.48 14.87
CA ALA D 62 18.17 -13.09 13.46
C ALA D 62 17.04 -13.74 12.64
N CYS D 63 16.78 -15.02 12.89
CA CYS D 63 15.71 -15.75 12.19
C CYS D 63 14.30 -15.21 12.45
N GLU D 64 13.95 -15.08 13.72
CA GLU D 64 12.67 -14.55 14.12
C GLU D 64 12.36 -13.27 13.34
N ALA D 65 13.32 -12.35 13.34
CA ALA D 65 13.17 -11.11 12.61
C ALA D 65 12.96 -11.36 11.12
N TYR D 66 13.71 -12.31 10.56
CA TYR D 66 13.62 -12.63 9.14
C TYR D 66 12.23 -13.12 8.77
N LEU D 67 11.70 -14.10 9.52
CA LEU D 67 10.37 -14.66 9.27
C LEU D 67 9.26 -13.63 9.50
N VAL D 68 9.37 -12.85 10.57
CA VAL D 68 8.38 -11.80 10.77
C VAL D 68 8.32 -10.87 9.54
N GLY D 69 9.43 -10.26 9.18
CA GLY D 69 9.43 -9.40 8.02
C GLY D 69 9.02 -10.09 6.73
N LEU D 70 9.28 -11.39 6.63
CA LEU D 70 8.88 -12.15 5.46
C LEU D 70 7.37 -12.23 5.47
N PHE D 71 6.82 -12.53 6.64
CA PHE D 71 5.38 -12.64 6.79
C PHE D 71 4.65 -11.35 6.51
N GLU D 72 5.28 -10.23 6.87
CA GLU D 72 4.76 -8.91 6.52
C GLU D 72 4.63 -8.73 5.02
N ASP D 73 5.61 -9.24 4.26
CA ASP D 73 5.58 -9.10 2.81
C ASP D 73 4.60 -10.13 2.26
N THR D 74 4.60 -11.33 2.84
CA THR D 74 3.66 -12.37 2.46
C THR D 74 2.23 -11.87 2.61
N ASN D 75 1.96 -11.29 3.78
CA ASN D 75 0.65 -10.75 4.09
C ASN D 75 0.21 -9.75 3.03
N LEU D 76 1.09 -8.83 2.66
CA LEU D 76 0.76 -7.89 1.59
C LEU D 76 0.38 -8.59 0.27
N CYS D 77 0.91 -9.79 0.05
CA CYS D 77 0.71 -10.45 -1.23
C CYS D 77 -0.64 -11.08 -1.26
N ALA D 78 -0.99 -11.72 -0.15
CA ALA D 78 -2.32 -12.23 0.05
C ALA D 78 -3.36 -11.09 -0.15
N ILE D 79 -3.14 -9.96 0.52
CA ILE D 79 -4.03 -8.81 0.37
C ILE D 79 -4.19 -8.41 -1.11
N HIS D 80 -3.12 -8.52 -1.87
CA HIS D 80 -3.11 -8.11 -3.26
C HIS D 80 -4.05 -9.01 -4.06
N ALA D 81 -4.24 -10.22 -3.54
CA ALA D 81 -4.99 -11.28 -4.19
C ALA D 81 -6.39 -11.40 -3.65
N LYS D 82 -6.73 -10.48 -2.74
CA LYS D 82 -8.04 -10.42 -2.06
C LYS D 82 -8.32 -11.63 -1.17
N ARG D 83 -7.29 -12.12 -0.47
CA ARG D 83 -7.39 -13.27 0.41
C ARG D 83 -6.94 -12.93 1.82
N VAL D 84 -7.73 -13.32 2.81
CA VAL D 84 -7.37 -13.20 4.21
C VAL D 84 -6.18 -14.11 4.54
N THR D 85 -6.25 -15.30 3.98
CA THR D 85 -5.35 -16.40 4.29
C THR D 85 -4.09 -16.27 3.47
N ILE D 86 -2.94 -16.56 4.05
CA ILE D 86 -1.72 -16.56 3.26
C ILE D 86 -1.37 -18.00 2.80
N MET D 87 -0.87 -18.13 1.58
CA MET D 87 -0.59 -19.46 1.01
C MET D 87 0.83 -19.50 0.53
N PRO D 88 1.36 -20.70 0.27
CA PRO D 88 2.76 -20.69 -0.16
C PRO D 88 2.99 -19.90 -1.45
N LYS D 89 1.94 -19.73 -2.26
CA LYS D 89 1.94 -18.77 -3.35
C LYS D 89 2.54 -17.44 -2.91
N ASP D 90 2.07 -16.99 -1.75
CA ASP D 90 2.36 -15.65 -1.21
C ASP D 90 3.81 -15.52 -0.79
N ILE D 91 4.29 -16.48 0.00
CA ILE D 91 5.67 -16.48 0.46
C ILE D 91 6.60 -16.46 -0.74
N GLN D 92 6.31 -17.36 -1.68
CA GLN D 92 7.09 -17.49 -2.90
C GLN D 92 7.16 -16.18 -3.67
N LEU D 93 6.04 -15.48 -3.81
CA LEU D 93 6.11 -14.16 -4.46
C LEU D 93 6.96 -13.17 -3.67
N ALA D 94 6.80 -13.13 -2.35
CA ALA D 94 7.56 -12.19 -1.53
C ALA D 94 9.04 -12.44 -1.65
N ARG D 95 9.41 -13.73 -1.59
CA ARG D 95 10.80 -14.12 -1.64
C ARG D 95 11.38 -13.82 -3.03
N ARG D 96 10.61 -14.10 -4.06
CA ARG D 96 11.04 -13.72 -5.40
C ARG D 96 11.40 -12.23 -5.47
N ILE D 97 10.46 -11.36 -5.12
CA ILE D 97 10.75 -9.93 -5.17
C ILE D 97 11.91 -9.50 -4.25
N ARG D 98 12.05 -10.17 -3.11
CA ARG D 98 13.15 -9.91 -2.18
C ARG D 98 14.51 -10.40 -2.73
N GLY D 99 14.48 -11.21 -3.77
CA GLY D 99 15.70 -11.75 -4.39
C GLY D 99 16.36 -12.88 -3.63
N GLU D 100 15.56 -13.86 -3.22
CA GLU D 100 16.04 -14.90 -2.32
C GLU D 100 16.21 -16.17 -3.10
N ARG D 101 15.10 -16.67 -3.64
CA ARG D 101 15.14 -17.78 -4.55
C ARG D 101 14.38 -17.33 -5.77
N ALA D 102 15.12 -17.20 -6.89
CA ALA D 102 14.65 -16.69 -8.18
C ALA D 102 13.12 -16.61 -8.36
N ASP E 25 13.23 -32.53 14.80
CA ASP E 25 12.64 -33.78 14.30
C ASP E 25 11.96 -33.58 12.97
N ASN E 26 10.65 -33.87 12.97
CA ASN E 26 9.75 -33.55 11.87
C ASN E 26 9.52 -32.05 11.81
N ILE E 27 9.81 -31.39 12.93
CA ILE E 27 9.82 -29.94 13.00
C ILE E 27 11.24 -29.49 12.73
N GLN E 28 11.44 -28.52 11.84
CA GLN E 28 12.83 -28.11 11.70
C GLN E 28 12.99 -26.80 12.42
N GLY E 29 13.38 -26.89 13.69
CA GLY E 29 13.58 -25.71 14.50
C GLY E 29 12.33 -24.92 14.87
N ILE E 30 11.18 -25.20 14.24
CA ILE E 30 9.99 -24.40 14.51
C ILE E 30 8.71 -25.20 14.72
N THR E 31 8.06 -24.91 15.83
CA THR E 31 6.77 -25.49 16.16
C THR E 31 5.62 -24.72 15.52
N LYS E 32 4.58 -25.44 15.14
CA LYS E 32 3.42 -24.85 14.49
C LYS E 32 2.92 -23.59 15.19
N PRO E 33 2.76 -23.63 16.53
CA PRO E 33 2.34 -22.39 17.18
C PRO E 33 3.35 -21.24 17.10
N ALA E 34 4.65 -21.54 17.06
CA ALA E 34 5.63 -20.47 16.96
C ALA E 34 5.52 -19.85 15.58
N ILE E 35 5.21 -20.67 14.58
CA ILE E 35 5.02 -20.14 13.24
C ILE E 35 3.81 -19.20 13.22
N ARG E 36 2.70 -19.66 13.78
CA ARG E 36 1.51 -18.81 13.94
C ARG E 36 1.80 -17.50 14.69
N ARG E 37 2.55 -17.57 15.79
CA ARG E 37 2.92 -16.36 16.51
C ARG E 37 3.73 -15.43 15.61
N LEU E 38 4.72 -15.98 14.94
CA LEU E 38 5.52 -15.19 14.03
C LEU E 38 4.65 -14.53 12.94
N ALA E 39 3.80 -15.30 12.31
CA ALA E 39 3.00 -14.79 11.23
C ALA E 39 2.05 -13.72 11.78
N ARG E 40 1.52 -13.98 12.99
CA ARG E 40 0.61 -13.06 13.70
C ARG E 40 1.29 -11.68 13.84
N ARG E 41 2.55 -11.66 14.24
CA ARG E 41 3.26 -10.41 14.41
C ARG E 41 3.54 -9.72 13.07
N GLY E 42 3.29 -10.44 11.98
CA GLY E 42 3.53 -9.93 10.65
C GLY E 42 2.31 -9.32 10.00
N GLY E 43 1.17 -9.47 10.65
CA GLY E 43 -0.07 -8.93 10.10
C GLY E 43 -0.95 -10.03 9.53
N VAL E 44 -0.48 -11.27 9.64
CA VAL E 44 -1.20 -12.41 9.10
C VAL E 44 -2.45 -12.66 9.93
N LYS E 45 -3.59 -12.65 9.26
CA LYS E 45 -4.87 -13.00 9.89
C LYS E 45 -5.20 -14.47 9.85
N ARG E 46 -4.78 -15.16 8.79
CA ARG E 46 -5.18 -16.57 8.61
C ARG E 46 -4.09 -17.37 7.93
N ILE E 47 -4.07 -18.67 8.19
CA ILE E 47 -2.97 -19.54 7.75
C ILE E 47 -3.42 -20.79 7.02
N SER E 48 -3.13 -20.87 5.73
CA SER E 48 -3.29 -22.12 5.01
C SER E 48 -2.46 -23.20 5.70
N GLY E 49 -3.01 -24.39 5.83
CA GLY E 49 -2.31 -25.47 6.50
C GLY E 49 -0.94 -25.73 5.91
N LEU E 50 -0.80 -25.46 4.61
CA LEU E 50 0.44 -25.66 3.87
C LEU E 50 1.61 -24.77 4.31
N ILE E 51 1.35 -23.82 5.19
CA ILE E 51 2.35 -22.81 5.48
C ILE E 51 3.48 -23.35 6.35
N TYR E 52 3.16 -24.24 7.27
CA TYR E 52 4.17 -24.68 8.23
C TYR E 52 5.39 -25.27 7.53
N GLU E 53 5.18 -26.16 6.56
CA GLU E 53 6.33 -26.74 5.89
C GLU E 53 7.00 -25.71 4.99
N GLU E 54 6.22 -24.83 4.37
CA GLU E 54 6.79 -23.74 3.59
C GLU E 54 7.66 -22.84 4.45
N THR E 55 7.17 -22.48 5.63
CA THR E 55 7.97 -21.68 6.54
C THR E 55 9.21 -22.45 6.99
N ARG E 56 9.04 -23.73 7.31
CA ARG E 56 10.16 -24.52 7.80
C ARG E 56 11.28 -24.63 6.75
N GLY E 57 10.91 -24.98 5.53
CA GLY E 57 11.85 -25.03 4.43
C GLY E 57 12.58 -23.72 4.23
N VAL E 58 11.81 -22.64 4.07
CA VAL E 58 12.36 -21.31 3.87
C VAL E 58 13.32 -20.89 5.00
N LEU E 59 12.97 -21.20 6.26
CA LEU E 59 13.87 -20.97 7.38
C LEU E 59 15.20 -21.75 7.30
N LYS E 60 15.16 -23.01 6.85
CA LYS E 60 16.38 -23.79 6.71
C LYS E 60 17.33 -23.14 5.70
N VAL E 61 16.75 -22.58 4.64
CA VAL E 61 17.56 -21.92 3.63
C VAL E 61 18.22 -20.65 4.19
N PHE E 62 17.43 -19.77 4.82
CA PHE E 62 17.99 -18.56 5.45
C PHE E 62 19.03 -18.88 6.52
N LEU E 63 18.70 -19.82 7.40
CA LEU E 63 19.61 -20.22 8.46
C LEU E 63 20.93 -20.74 7.88
N GLU E 64 20.88 -21.63 6.88
CA GLU E 64 22.11 -22.15 6.24
C GLU E 64 22.99 -21.04 5.69
N ASN E 65 22.42 -20.19 4.84
CA ASN E 65 23.15 -19.07 4.24
C ASN E 65 23.88 -18.22 5.27
N VAL E 66 23.25 -18.02 6.42
CA VAL E 66 23.84 -17.20 7.46
C VAL E 66 24.91 -17.99 8.22
N ILE E 67 24.62 -19.24 8.55
CA ILE E 67 25.63 -20.10 9.18
C ILE E 67 26.83 -20.25 8.27
N ARG E 68 26.57 -20.65 7.02
CA ARG E 68 27.60 -20.78 6.00
C ARG E 68 28.48 -19.53 5.94
N ASP E 69 27.85 -18.36 5.83
CA ASP E 69 28.60 -17.11 5.78
C ASP E 69 29.33 -16.84 7.09
N ALA E 70 28.78 -17.31 8.21
CA ALA E 70 29.39 -17.05 9.51
C ALA E 70 30.70 -17.80 9.72
N VAL E 71 30.68 -19.13 9.56
CA VAL E 71 31.84 -19.96 9.89
C VAL E 71 33.03 -19.57 9.02
N THR E 72 32.74 -19.00 7.85
CA THR E 72 33.79 -18.53 6.97
C THR E 72 34.53 -17.37 7.63
N TYR E 73 33.82 -16.51 8.36
CA TYR E 73 34.45 -15.48 9.18
C TYR E 73 35.24 -16.13 10.32
N THR E 74 34.76 -17.28 10.78
CA THR E 74 35.39 -17.97 11.89
C THR E 74 36.71 -18.61 11.46
N GLU E 75 36.76 -19.10 10.23
CA GLU E 75 37.99 -19.69 9.71
C GLU E 75 38.82 -18.72 8.83
N HIS E 76 38.37 -17.47 8.72
CA HIS E 76 39.23 -16.39 8.23
C HIS E 76 40.22 -16.04 9.32
N ALA E 77 39.70 -15.77 10.52
CA ALA E 77 40.46 -15.89 11.76
C ALA E 77 40.65 -17.38 11.99
N LYS E 78 41.54 -17.80 12.87
CA LYS E 78 41.55 -19.23 13.18
C LYS E 78 40.85 -19.53 14.49
N ARG E 79 39.63 -20.07 14.38
CA ARG E 79 38.85 -20.55 15.52
C ARG E 79 38.02 -21.74 15.04
N LYS E 80 37.80 -22.72 15.91
CA LYS E 80 36.87 -23.80 15.60
C LYS E 80 35.52 -23.58 16.29
N THR E 81 35.40 -22.46 17.01
CA THR E 81 34.17 -22.10 17.74
C THR E 81 33.55 -20.81 17.19
N VAL E 82 32.32 -20.90 16.69
CA VAL E 82 31.62 -19.73 16.15
C VAL E 82 31.07 -18.87 17.28
N THR E 83 31.38 -17.58 17.27
CA THR E 83 30.89 -16.68 18.31
C THR E 83 29.74 -15.81 17.80
N ALA E 84 29.16 -15.03 18.70
CA ALA E 84 28.07 -14.12 18.34
C ALA E 84 28.57 -13.14 17.30
N MET E 85 29.80 -12.69 17.47
CA MET E 85 30.40 -11.75 16.53
C MET E 85 30.50 -12.31 15.12
N ASP E 86 30.76 -13.60 14.99
CA ASP E 86 30.81 -14.22 13.68
C ASP E 86 29.45 -14.19 13.00
N VAL E 87 28.40 -14.09 13.80
CA VAL E 87 27.04 -14.02 13.27
C VAL E 87 26.70 -12.60 12.79
N VAL E 88 27.09 -11.59 13.55
CA VAL E 88 26.76 -10.21 13.18
C VAL E 88 27.34 -9.85 11.81
N TYR E 89 28.49 -10.41 11.49
CA TYR E 89 29.11 -10.12 10.21
C TYR E 89 28.40 -10.84 9.10
N ALA E 90 28.07 -12.11 9.33
CA ALA E 90 27.37 -12.90 8.34
C ALA E 90 26.11 -12.17 7.84
N LEU E 91 25.50 -11.40 8.76
CA LEU E 91 24.27 -10.66 8.49
C LEU E 91 24.46 -9.34 7.76
N LYS E 92 25.65 -8.76 7.82
CA LYS E 92 25.87 -7.48 7.14
C LYS E 92 26.30 -7.76 5.71
N ARG E 93 26.28 -9.03 5.34
CA ARG E 93 26.49 -9.41 3.95
C ARG E 93 25.15 -9.64 3.26
N GLN E 94 24.05 -9.41 3.98
CA GLN E 94 22.72 -9.58 3.41
C GLN E 94 21.84 -8.36 3.70
#